data_6DAG
#
_entry.id   6DAG
#
_cell.length_a   76.789
_cell.length_b   102.350
_cell.length_c   125.560
_cell.angle_alpha   90.00
_cell.angle_beta   90.00
_cell.angle_gamma   90.00
#
_symmetry.space_group_name_H-M   'I 2 2 2'
#
loop_
_entity.id
_entity.type
_entity.pdbx_description
1 polymer 'Cytochrome P450 3A4'
2 non-polymer 'PROTOPORPHYRIN IX CONTAINING FE'
3 non-polymer 'tert-butyl [(2R)-1-{[(2S)-1-oxo-3-phenyl-1-{[2-(pyridin-3-yl)ethyl]amino}propan-2-yl]sulfanyl}-3-phenylpropan-2-yl]carbamate'
#
_entity_poly.entity_id   1
_entity_poly.type   'polypeptide(L)'
_entity_poly.pdbx_seq_one_letter_code
;MAYLYGTHSHGLFKKLGIPGPTPLPFLGNILSYHKGFCMFDMECHKKYGKVWGFYDGQQPVLAITDPDMIKTVLVKECYS
VFTNRRPFGPVGFMKSAISIAEDEEWKRLRSLLSPTFTSGKLKEMVPIIAQYGDVLVRNLRREAETGKPVTLKDVFGAYS
MDVITSTSFGVNIDSLNNPQDPFVENTKKLLRFDFLDPFFLSITVFPFLIPILEVLNICVFPREVTNFLRKSVKRMKESR
LEDTQKHRVDFLQLMIDSQNSKETESHKALSDLELVAQSIIFIFAGYETTSSVLSFIMYELATHPDVQQKLQEEIDAVLP
NKAPPTYDTVLQMEYLDMVVNETLRLFPIAMRLERVCKKDVEINGMFIPKGVVVMIPSYALHRDPKYWTEPEKFLPERFS
KKNKDNIDPYIYTPFGSGPRNCIGMRFALMNMKLALIRVLQNFSFKPCKETQIPLKLSLGGLLQPEKPVVLKVESRDGTV
SGAHHHH
;
_entity_poly.pdbx_strand_id   A
#
loop_
_chem_comp.id
_chem_comp.type
_chem_comp.name
_chem_comp.formula
G0Y non-polymer 'tert-butyl [(2R)-1-{[(2S)-1-oxo-3-phenyl-1-{[2-(pyridin-3-yl)ethyl]amino}propan-2-yl]sulfanyl}-3-phenylpropan-2-yl]carbamate' 'C30 H37 N3 O3 S'
HEM non-polymer 'PROTOPORPHYRIN IX CONTAINING FE' 'C34 H32 Fe N4 O4'
#
# COMPACT_ATOMS: atom_id res chain seq x y z
N THR A 7 6.90 -27.09 -18.01
CA THR A 7 7.73 -26.46 -19.03
C THR A 7 7.72 -27.28 -20.35
N HIS A 8 7.75 -26.61 -21.51
CA HIS A 8 7.74 -25.15 -21.59
C HIS A 8 6.36 -24.68 -21.85
N SER A 9 5.82 -24.09 -20.79
CA SER A 9 4.55 -23.41 -20.82
C SER A 9 4.60 -22.19 -21.72
N HIS A 10 5.73 -21.99 -22.39
CA HIS A 10 5.91 -20.77 -23.17
C HIS A 10 5.07 -20.74 -24.43
N GLY A 11 4.32 -21.79 -24.69
CA GLY A 11 3.40 -21.85 -25.81
C GLY A 11 1.98 -21.37 -25.53
N LEU A 12 1.66 -21.00 -24.28
CA LEU A 12 0.25 -20.96 -23.90
C LEU A 12 -0.47 -19.77 -24.51
N PHE A 13 0.09 -18.57 -24.35
CA PHE A 13 -0.57 -17.41 -24.93
C PHE A 13 -0.54 -17.43 -26.45
N LYS A 14 0.50 -18.01 -27.04
CA LYS A 14 0.51 -18.21 -28.47
C LYS A 14 -0.64 -19.11 -28.90
N LYS A 15 -0.93 -20.16 -28.11
CA LYS A 15 -2.08 -21.03 -28.36
C LYS A 15 -3.40 -20.27 -28.27
N LEU A 16 -3.69 -19.67 -27.10
CA LEU A 16 -4.95 -18.97 -26.83
C LEU A 16 -5.18 -17.80 -27.75
N GLY A 17 -4.21 -17.48 -28.60
CA GLY A 17 -4.35 -16.36 -29.51
C GLY A 17 -4.23 -15.03 -28.82
N ILE A 18 -3.44 -14.96 -27.75
CA ILE A 18 -3.28 -13.76 -26.95
C ILE A 18 -1.88 -13.19 -27.20
N PRO A 19 -1.76 -11.92 -27.55
CA PRO A 19 -0.46 -11.36 -27.93
C PRO A 19 0.39 -11.06 -26.69
N GLY A 20 1.70 -10.94 -26.91
CA GLY A 20 2.62 -10.67 -25.85
C GLY A 20 4.06 -10.80 -26.29
N PRO A 21 4.98 -10.26 -25.50
CA PRO A 21 6.40 -10.37 -25.84
C PRO A 21 6.86 -11.82 -25.83
N THR A 22 7.72 -12.15 -26.79
CA THR A 22 8.29 -13.51 -26.84
C THR A 22 9.12 -13.80 -25.59
N PRO A 23 8.96 -14.98 -24.95
CA PRO A 23 9.81 -15.28 -23.78
C PRO A 23 11.12 -15.99 -24.11
N LEU A 24 12.27 -15.47 -23.68
CA LEU A 24 13.45 -16.32 -23.69
C LEU A 24 13.22 -17.57 -22.81
N PRO A 25 13.99 -18.62 -23.01
CA PRO A 25 13.81 -19.82 -22.17
C PRO A 25 14.27 -19.61 -20.73
N PHE A 26 13.51 -20.19 -19.79
CA PHE A 26 13.82 -20.16 -18.36
C PHE A 26 13.75 -18.82 -17.62
N LEU A 27 13.58 -17.73 -18.36
CA LEU A 27 13.52 -16.39 -17.77
C LEU A 27 12.18 -15.84 -18.21
N GLY A 28 11.64 -16.34 -19.32
CA GLY A 28 10.49 -15.64 -19.88
C GLY A 28 10.89 -14.20 -20.11
N ASN A 29 9.99 -13.29 -19.76
CA ASN A 29 10.17 -11.89 -20.10
C ASN A 29 10.77 -11.08 -18.97
N ILE A 30 11.42 -11.70 -17.98
CA ILE A 30 11.84 -10.88 -16.84
C ILE A 30 12.90 -9.87 -17.26
N LEU A 31 13.83 -10.22 -18.17
CA LEU A 31 14.85 -9.23 -18.54
C LEU A 31 14.20 -7.90 -18.91
N SER A 32 12.90 -7.93 -19.26
CA SER A 32 12.11 -6.72 -19.49
C SER A 32 11.80 -5.94 -18.19
N TYR A 33 12.06 -6.49 -16.99
CA TYR A 33 11.87 -5.71 -15.76
C TYR A 33 12.98 -4.71 -15.46
N HIS A 34 13.97 -4.54 -16.34
CA HIS A 34 15.10 -3.69 -16.01
C HIS A 34 14.70 -2.23 -15.78
N LYS A 35 13.69 -1.74 -16.51
CA LYS A 35 13.19 -0.37 -16.33
C LYS A 35 11.99 -0.32 -15.41
N GLY A 36 11.89 -1.25 -14.47
CA GLY A 36 10.80 -1.29 -13.51
C GLY A 36 9.59 -2.01 -14.08
N PHE A 37 8.76 -2.50 -13.16
CA PHE A 37 7.48 -3.05 -13.57
C PHE A 37 6.70 -2.01 -14.35
N CYS A 38 6.63 -0.81 -13.80
CA CYS A 38 5.67 0.16 -14.28
C CYS A 38 5.92 0.52 -15.74
N MET A 39 7.18 0.73 -16.10
CA MET A 39 7.46 1.07 -17.50
C MET A 39 7.20 -0.11 -18.43
N PHE A 40 7.34 -1.36 -17.95
CA PHE A 40 7.07 -2.55 -18.79
C PHE A 40 5.60 -2.66 -19.10
N ASP A 41 4.76 -2.23 -18.16
CA ASP A 41 3.32 -2.30 -18.35
C ASP A 41 2.82 -1.20 -19.31
N MET A 42 3.24 0.05 -19.08
CA MET A 42 2.82 1.11 -19.98
CA MET A 42 2.82 1.11 -19.98
C MET A 42 3.17 0.76 -21.42
N GLU A 43 4.32 0.15 -21.64
CA GLU A 43 4.71 -0.29 -22.97
C GLU A 43 3.74 -1.34 -23.48
N CYS A 44 3.61 -2.44 -22.74
CA CYS A 44 2.73 -3.52 -23.18
C CYS A 44 1.32 -2.99 -23.45
N HIS A 45 0.85 -2.06 -22.61
CA HIS A 45 -0.43 -1.40 -22.80
C HIS A 45 -0.53 -0.75 -24.19
N LYS A 46 0.50 0.02 -24.55
CA LYS A 46 0.48 0.68 -25.85
C LYS A 46 0.79 -0.31 -26.98
N LYS A 47 1.72 -1.23 -26.77
CA LYS A 47 2.10 -2.17 -27.82
C LYS A 47 1.03 -3.22 -28.12
N TYR A 48 0.18 -3.58 -27.15
CA TYR A 48 -0.67 -4.77 -27.32
C TYR A 48 -2.16 -4.56 -27.09
N GLY A 49 -2.59 -3.51 -26.38
CA GLY A 49 -4.01 -3.20 -26.27
C GLY A 49 -4.64 -3.63 -24.95
N LYS A 50 -5.84 -4.23 -25.02
CA LYS A 50 -6.67 -4.46 -23.83
C LYS A 50 -6.26 -5.70 -23.04
N VAL A 51 -5.72 -6.73 -23.70
CA VAL A 51 -5.27 -7.95 -23.05
CA VAL A 51 -5.22 -7.91 -23.00
C VAL A 51 -3.93 -8.33 -23.65
N TRP A 52 -3.07 -8.94 -22.84
CA TRP A 52 -1.77 -9.42 -23.30
C TRP A 52 -1.24 -10.32 -22.21
N GLY A 53 -0.13 -10.99 -22.52
CA GLY A 53 0.38 -12.04 -21.66
C GLY A 53 1.89 -12.07 -21.66
N PHE A 54 2.45 -12.67 -20.62
CA PHE A 54 3.89 -12.83 -20.51
C PHE A 54 4.19 -13.87 -19.45
N TYR A 55 5.48 -14.12 -19.27
CA TYR A 55 5.97 -15.23 -18.46
C TYR A 55 7.00 -14.71 -17.47
N ASP A 56 6.57 -14.50 -16.24
CA ASP A 56 7.56 -14.38 -15.18
C ASP A 56 8.22 -15.75 -15.10
N GLY A 57 9.31 -15.95 -15.81
CA GLY A 57 9.97 -17.25 -15.82
C GLY A 57 9.09 -18.26 -16.48
N GLN A 58 8.69 -19.34 -15.80
CA GLN A 58 7.74 -20.24 -16.44
C GLN A 58 6.29 -19.80 -16.24
N GLN A 59 6.04 -18.73 -15.47
CA GLN A 59 4.72 -18.45 -14.92
C GLN A 59 3.90 -17.51 -15.80
N PRO A 60 2.98 -18.09 -16.58
CA PRO A 60 2.11 -17.29 -17.45
C PRO A 60 1.36 -16.23 -16.65
N VAL A 61 1.47 -14.97 -17.08
CA VAL A 61 0.69 -13.88 -16.52
C VAL A 61 -0.16 -13.31 -17.63
N LEU A 62 -1.44 -13.06 -17.34
CA LEU A 62 -2.36 -12.43 -18.29
C LEU A 62 -2.79 -11.07 -17.74
N ALA A 63 -2.50 -10.01 -18.49
CA ALA A 63 -2.85 -8.65 -18.09
C ALA A 63 -4.19 -8.26 -18.70
N ILE A 64 -5.04 -7.64 -17.90
CA ILE A 64 -6.39 -7.32 -18.37
C ILE A 64 -6.65 -5.86 -18.09
N THR A 65 -7.37 -5.20 -18.99
CA THR A 65 -7.60 -3.78 -18.82
C THR A 65 -9.06 -3.37 -18.97
N ASP A 66 -9.97 -4.30 -19.34
CA ASP A 66 -11.40 -3.95 -19.51
C ASP A 66 -12.09 -3.74 -18.16
N PRO A 67 -12.77 -2.61 -17.96
CA PRO A 67 -13.45 -2.35 -16.67
C PRO A 67 -14.46 -3.43 -16.26
N ASP A 68 -15.26 -3.93 -17.21
CA ASP A 68 -16.15 -5.07 -16.93
C ASP A 68 -15.36 -6.31 -16.51
N MET A 69 -14.46 -6.78 -17.40
CA MET A 69 -13.55 -7.87 -17.07
C MET A 69 -12.92 -7.67 -15.71
N ILE A 70 -12.42 -6.48 -15.41
CA ILE A 70 -11.85 -6.29 -14.08
C ILE A 70 -12.89 -6.47 -12.99
N LYS A 71 -14.06 -5.86 -13.16
CA LYS A 71 -15.14 -6.10 -12.19
C LYS A 71 -15.47 -7.58 -12.09
N THR A 72 -15.53 -8.28 -13.23
CA THR A 72 -15.77 -9.73 -13.21
C THR A 72 -14.80 -10.46 -12.29
N VAL A 73 -13.52 -10.05 -12.26
CA VAL A 73 -12.48 -10.85 -11.60
C VAL A 73 -12.32 -10.47 -10.14
N LEU A 74 -12.14 -9.17 -9.88
CA LEU A 74 -11.94 -8.69 -8.52
C LEU A 74 -13.19 -8.89 -7.67
N VAL A 75 -14.37 -8.86 -8.28
CA VAL A 75 -15.62 -8.93 -7.52
C VAL A 75 -16.53 -10.11 -7.86
N LYS A 76 -17.04 -10.17 -9.09
CA LYS A 76 -18.13 -11.11 -9.40
C LYS A 76 -17.70 -12.57 -9.23
N GLU A 77 -16.45 -12.87 -9.54
CA GLU A 77 -15.97 -14.25 -9.52
C GLU A 77 -14.86 -14.43 -8.49
N CYS A 78 -14.89 -13.66 -7.40
CA CYS A 78 -13.78 -13.69 -6.45
C CYS A 78 -13.76 -14.96 -5.60
N TYR A 79 -14.83 -15.18 -4.81
CA TYR A 79 -14.86 -16.31 -3.88
C TYR A 79 -14.79 -17.63 -4.62
N SER A 80 -15.11 -17.61 -5.91
CA SER A 80 -15.21 -18.79 -6.77
C SER A 80 -13.93 -19.09 -7.53
N VAL A 81 -13.35 -18.12 -8.23
CA VAL A 81 -12.16 -18.35 -9.05
C VAL A 81 -10.96 -17.60 -8.49
N PHE A 82 -11.05 -16.29 -8.40
CA PHE A 82 -9.94 -15.44 -8.12
C PHE A 82 -9.91 -15.08 -6.64
N THR A 83 -9.58 -16.08 -5.80
CA THR A 83 -9.59 -15.93 -4.35
C THR A 83 -8.24 -15.54 -3.75
N ASN A 84 -7.12 -15.96 -4.37
CA ASN A 84 -5.81 -15.82 -3.75
C ASN A 84 -4.84 -15.06 -4.63
N ARG A 85 -3.86 -14.49 -3.99
CA ARG A 85 -2.83 -13.81 -4.74
C ARG A 85 -1.72 -14.81 -5.07
N ARG A 86 -0.77 -14.35 -5.89
CA ARG A 86 0.34 -15.19 -6.30
C ARG A 86 1.21 -15.57 -5.10
N PRO A 87 1.55 -16.84 -4.92
CA PRO A 87 2.36 -17.23 -3.76
C PRO A 87 3.80 -16.78 -3.89
N PHE A 88 4.30 -16.17 -2.83
CA PHE A 88 5.73 -15.89 -2.72
C PHE A 88 6.22 -16.54 -1.42
N GLY A 89 7.53 -16.75 -1.33
CA GLY A 89 8.06 -17.46 -0.20
C GLY A 89 9.56 -17.23 -0.09
N PRO A 90 10.18 -17.81 0.95
CA PRO A 90 9.55 -18.57 2.02
C PRO A 90 8.91 -17.67 3.06
N VAL A 91 7.91 -18.15 3.79
CA VAL A 91 7.24 -17.32 4.78
C VAL A 91 7.14 -18.00 6.13
N GLY A 92 6.96 -19.23 6.18
CA GLY A 92 6.94 -19.99 7.42
C GLY A 92 5.71 -19.67 8.24
N PHE A 93 5.91 -19.43 9.53
CA PHE A 93 4.72 -19.16 10.36
C PHE A 93 3.86 -17.97 9.80
N MET A 94 4.23 -17.23 8.77
CA MET A 94 3.37 -16.18 8.25
C MET A 94 2.48 -16.57 7.08
N LYS A 95 2.39 -17.85 6.77
CA LYS A 95 1.31 -18.30 5.93
C LYS A 95 -0.03 -17.86 6.51
N SER A 96 -0.14 -17.83 7.85
CA SER A 96 -1.41 -17.54 8.50
CA SER A 96 -1.41 -17.55 8.50
C SER A 96 -1.82 -16.08 8.41
N ALA A 97 -0.94 -15.18 7.98
CA ALA A 97 -1.38 -13.80 7.94
C ALA A 97 -2.37 -13.60 6.80
N ILE A 98 -3.20 -12.50 6.82
CA ILE A 98 -4.40 -12.42 6.01
C ILE A 98 -4.06 -12.07 4.57
N SER A 99 -3.03 -11.07 4.40
CA SER A 99 -2.67 -10.74 3.03
C SER A 99 -2.12 -11.95 2.31
N ILE A 100 -1.69 -12.98 3.03
CA ILE A 100 -1.01 -14.14 2.47
C ILE A 100 -1.90 -15.37 2.45
N ALA A 101 -2.78 -15.57 3.45
CA ALA A 101 -3.46 -16.85 3.57
C ALA A 101 -4.45 -17.09 2.41
N GLU A 102 -4.88 -18.33 2.27
CA GLU A 102 -5.60 -18.69 1.05
C GLU A 102 -6.96 -19.33 1.31
N ASP A 103 -7.89 -19.01 0.40
CA ASP A 103 -9.13 -19.76 0.14
C ASP A 103 -9.95 -19.61 1.41
N GLU A 104 -10.34 -20.68 2.10
CA GLU A 104 -11.15 -20.50 3.30
C GLU A 104 -10.43 -19.99 4.54
N GLU A 105 -9.17 -20.40 4.73
CA GLU A 105 -8.42 -19.85 5.84
C GLU A 105 -8.33 -18.35 5.73
N TRP A 106 -8.29 -17.83 4.51
CA TRP A 106 -8.39 -16.39 4.32
C TRP A 106 -9.78 -15.89 4.65
N LYS A 107 -10.80 -16.56 4.08
CA LYS A 107 -12.18 -16.10 4.27
C LYS A 107 -12.52 -16.04 5.75
N ARG A 108 -12.02 -16.99 6.53
CA ARG A 108 -12.09 -16.90 7.98
C ARG A 108 -11.38 -15.64 8.50
N LEU A 109 -10.09 -15.50 8.19
CA LEU A 109 -9.32 -14.40 8.78
C LEU A 109 -9.92 -13.05 8.44
N ARG A 110 -10.38 -12.89 7.19
CA ARG A 110 -11.07 -11.65 6.82
C ARG A 110 -12.19 -11.33 7.82
N SER A 111 -13.06 -12.32 8.09
CA SER A 111 -14.18 -12.09 9.03
C SER A 111 -13.70 -11.67 10.41
N LEU A 112 -12.79 -12.45 11.01
CA LEU A 112 -12.37 -12.13 12.39
C LEU A 112 -11.72 -10.77 12.50
N LEU A 113 -11.21 -10.22 11.39
CA LEU A 113 -10.54 -8.93 11.45
C LEU A 113 -11.33 -7.82 10.78
N SER A 114 -12.45 -8.12 10.15
CA SER A 114 -13.30 -7.08 9.55
C SER A 114 -13.80 -6.04 10.56
N PRO A 115 -14.43 -6.43 11.68
CA PRO A 115 -15.04 -5.42 12.58
C PRO A 115 -14.02 -4.50 13.20
N THR A 116 -12.75 -4.88 13.17
CA THR A 116 -11.68 -4.04 13.68
C THR A 116 -11.57 -2.74 12.90
N PHE A 117 -11.87 -2.79 11.61
CA PHE A 117 -11.68 -1.66 10.71
C PHE A 117 -12.96 -0.90 10.44
N THR A 118 -13.95 -1.04 11.33
CA THR A 118 -15.20 -0.33 11.12
C THR A 118 -15.00 1.16 11.34
N SER A 119 -15.87 1.94 10.70
CA SER A 119 -15.90 3.39 10.93
C SER A 119 -15.97 3.71 12.41
N GLY A 120 -16.87 3.04 13.12
CA GLY A 120 -17.01 3.30 14.54
C GLY A 120 -15.72 3.09 15.30
N LYS A 121 -15.10 1.90 15.11
CA LYS A 121 -13.86 1.58 15.82
C LYS A 121 -12.76 2.57 15.46
N LEU A 122 -12.77 3.05 14.22
CA LEU A 122 -11.76 4.00 13.79
C LEU A 122 -11.91 5.32 14.52
N LYS A 123 -13.16 5.71 14.80
CA LYS A 123 -13.41 6.98 15.44
C LYS A 123 -12.83 7.02 16.85
N GLU A 124 -12.84 5.90 17.57
CA GLU A 124 -12.26 5.85 18.91
C GLU A 124 -10.74 5.87 18.85
N MET A 125 -10.16 5.54 17.70
CA MET A 125 -8.73 5.65 17.50
C MET A 125 -8.29 7.08 17.27
N VAL A 126 -9.20 8.02 17.04
CA VAL A 126 -8.78 9.36 16.64
C VAL A 126 -7.97 10.07 17.72
N PRO A 127 -8.34 10.07 19.00
CA PRO A 127 -7.48 10.75 19.99
C PRO A 127 -6.04 10.24 20.08
N ILE A 128 -5.80 8.93 20.12
CA ILE A 128 -4.41 8.45 20.20
C ILE A 128 -3.64 8.88 18.95
N ILE A 129 -4.27 8.80 17.76
CA ILE A 129 -3.64 9.26 16.52
C ILE A 129 -3.44 10.77 16.51
N ALA A 130 -4.24 11.51 17.29
CA ALA A 130 -4.05 12.95 17.40
C ALA A 130 -2.84 13.31 18.24
N GLN A 131 -2.48 12.47 19.21
CA GLN A 131 -1.38 12.79 20.12
C GLN A 131 -0.07 12.94 19.35
N TYR A 132 0.31 11.93 18.57
CA TYR A 132 1.63 11.91 17.92
C TYR A 132 1.72 12.83 16.73
N GLY A 133 0.62 13.45 16.30
CA GLY A 133 0.76 14.56 15.38
C GLY A 133 1.51 15.70 16.03
N ASP A 134 1.31 15.88 17.33
CA ASP A 134 2.01 16.93 18.05
C ASP A 134 3.50 16.64 18.14
N VAL A 135 3.87 15.39 18.46
CA VAL A 135 5.27 14.96 18.41
C VAL A 135 5.89 15.32 17.06
N LEU A 136 5.13 15.11 15.99
CA LEU A 136 5.64 15.32 14.64
C LEU A 136 5.99 16.78 14.41
N VAL A 137 5.15 17.70 14.88
CA VAL A 137 5.40 19.11 14.65
C VAL A 137 6.65 19.57 15.40
N ARG A 138 6.76 19.18 16.68
CA ARG A 138 7.89 19.60 17.49
C ARG A 138 9.22 19.12 16.89
N ASN A 139 9.28 17.86 16.47
CA ASN A 139 10.48 17.39 15.78
C ASN A 139 10.69 18.16 14.49
N LEU A 140 9.62 18.61 13.85
CA LEU A 140 9.73 19.38 12.62
C LEU A 140 10.28 20.77 12.89
N ARG A 141 9.73 21.46 13.89
CA ARG A 141 10.18 22.81 14.19
C ARG A 141 11.64 22.83 14.58
N ARG A 142 12.10 21.82 15.33
CA ARG A 142 13.53 21.74 15.65
C ARG A 142 14.38 21.77 14.39
N GLU A 143 13.84 21.32 13.27
CA GLU A 143 14.54 21.44 12.01
C GLU A 143 14.12 22.67 11.20
N ALA A 144 12.97 23.25 11.53
CA ALA A 144 12.52 24.46 10.84
C ALA A 144 13.25 25.68 11.35
N GLU A 145 13.45 25.76 12.66
CA GLU A 145 14.21 26.86 13.24
C GLU A 145 15.69 26.78 12.87
N THR A 146 16.21 25.60 12.54
CA THR A 146 17.57 25.45 12.04
C THR A 146 17.51 25.29 10.52
N GLY A 147 17.47 26.43 9.83
CA GLY A 147 17.30 26.54 8.37
C GLY A 147 18.10 25.58 7.51
N LYS A 148 17.92 24.29 7.79
CA LYS A 148 18.54 23.15 7.14
C LYS A 148 17.47 22.31 6.45
N PRO A 149 17.67 21.92 5.20
CA PRO A 149 16.68 21.08 4.49
C PRO A 149 16.44 19.75 5.20
N VAL A 150 15.28 19.13 4.93
CA VAL A 150 14.81 17.97 5.70
C VAL A 150 14.56 16.79 4.77
N THR A 151 14.80 15.58 5.29
CA THR A 151 14.41 14.34 4.64
C THR A 151 13.06 13.89 5.17
N LEU A 152 12.09 13.77 4.27
CA LEU A 152 10.71 13.54 4.66
C LEU A 152 10.47 12.12 5.14
N LYS A 153 11.05 11.12 4.46
CA LYS A 153 10.80 9.74 4.87
C LYS A 153 11.24 9.51 6.30
N ASP A 154 12.21 10.27 6.79
CA ASP A 154 12.67 10.09 8.17
C ASP A 154 11.64 10.59 9.16
N VAL A 155 11.30 11.86 9.07
CA VAL A 155 10.41 12.46 10.05
C VAL A 155 8.99 11.94 9.88
N PHE A 156 8.58 11.62 8.64
CA PHE A 156 7.28 10.99 8.42
C PHE A 156 7.28 9.55 8.93
N GLY A 157 8.35 8.81 8.65
CA GLY A 157 8.45 7.46 9.19
C GLY A 157 8.46 7.46 10.71
N ALA A 158 9.23 8.37 11.30
CA ALA A 158 9.20 8.56 12.74
C ALA A 158 7.77 8.72 13.25
N TYR A 159 6.90 9.36 12.45
CA TYR A 159 5.49 9.50 12.83
C TYR A 159 4.68 8.25 12.52
N SER A 160 4.74 7.77 11.27
CA SER A 160 3.96 6.59 10.88
C SER A 160 4.20 5.46 11.84
N MET A 161 5.48 5.20 12.13
CA MET A 161 5.91 4.32 13.22
C MET A 161 5.27 4.70 14.54
N ASP A 162 5.36 5.98 14.91
CA ASP A 162 4.74 6.42 16.16
C ASP A 162 3.28 6.00 16.20
N VAL A 163 2.58 6.11 15.07
CA VAL A 163 1.15 5.79 15.05
C VAL A 163 0.92 4.30 15.18
N ILE A 164 1.64 3.49 14.38
CA ILE A 164 1.39 2.06 14.36
C ILE A 164 1.53 1.48 15.77
N THR A 165 2.68 1.73 16.40
CA THR A 165 2.99 1.13 17.71
C THR A 165 1.89 1.40 18.72
N SER A 166 1.40 2.64 18.77
CA SER A 166 0.31 2.96 19.69
C SER A 166 -1.00 2.36 19.22
N THR A 167 -1.31 2.51 17.93
CA THR A 167 -2.58 2.05 17.39
C THR A 167 -2.71 0.54 17.40
N SER A 168 -1.60 -0.19 17.45
CA SER A 168 -1.66 -1.65 17.43
C SER A 168 -1.33 -2.32 18.75
N PHE A 169 -0.52 -1.69 19.61
CA PHE A 169 -0.12 -2.28 20.89
C PHE A 169 -0.16 -1.32 22.07
N GLY A 170 -0.48 -0.05 21.85
CA GLY A 170 -0.46 0.95 22.91
C GLY A 170 0.90 1.52 23.24
N VAL A 171 1.99 0.96 22.71
CA VAL A 171 3.34 1.45 22.99
C VAL A 171 3.47 2.92 22.57
N ASN A 172 4.20 3.70 23.38
CA ASN A 172 4.24 5.15 23.22
C ASN A 172 5.68 5.65 23.27
N ILE A 173 6.22 5.97 22.09
CA ILE A 173 7.60 6.35 21.91
C ILE A 173 7.62 7.56 20.99
N ASP A 174 8.67 8.34 21.09
CA ASP A 174 9.04 9.27 20.04
C ASP A 174 10.24 8.64 19.34
N SER A 175 9.95 7.77 18.37
CA SER A 175 10.99 6.93 17.78
C SER A 175 12.10 7.75 17.11
N LEU A 176 11.78 8.96 16.66
CA LEU A 176 12.78 9.86 16.07
C LEU A 176 13.94 10.12 17.02
N ASN A 177 13.68 10.89 18.08
CA ASN A 177 14.70 11.08 19.11
C ASN A 177 14.53 9.96 20.12
N ASN A 178 13.44 10.05 20.90
CA ASN A 178 13.28 9.27 22.11
C ASN A 178 13.58 7.81 21.81
N PRO A 179 14.23 7.14 22.76
CA PRO A 179 15.55 6.69 22.33
C PRO A 179 15.66 5.35 21.64
N GLN A 180 16.66 4.62 22.10
CA GLN A 180 16.81 3.21 21.82
C GLN A 180 15.81 2.43 22.65
N ASP A 181 14.54 2.88 22.62
CA ASP A 181 13.47 2.22 23.37
C ASP A 181 13.25 0.83 22.80
N PRO A 182 13.12 -0.22 23.66
CA PRO A 182 13.20 -1.62 23.18
C PRO A 182 12.39 -1.96 21.94
N PHE A 183 11.41 -1.12 21.60
CA PHE A 183 10.53 -1.46 20.51
C PHE A 183 10.91 -0.82 19.19
N VAL A 184 11.51 0.37 19.19
CA VAL A 184 11.88 1.01 17.93
C VAL A 184 12.78 0.15 17.07
N GLU A 185 13.47 -0.86 17.64
CA GLU A 185 14.59 -1.50 16.96
C GLU A 185 14.23 -2.80 16.24
N ASN A 186 13.51 -3.72 16.89
CA ASN A 186 13.10 -4.91 16.15
C ASN A 186 12.18 -4.57 15.00
N THR A 187 11.48 -3.45 15.08
CA THR A 187 10.72 -2.93 13.96
C THR A 187 11.57 -2.11 13.00
N LYS A 188 12.88 -1.98 13.24
CA LYS A 188 13.74 -1.35 12.25
C LYS A 188 14.00 -2.28 11.08
N LYS A 189 14.26 -3.56 11.36
CA LYS A 189 14.27 -4.56 10.31
C LYS A 189 12.83 -4.74 9.87
N LEU A 190 12.27 -3.68 9.30
CA LEU A 190 10.84 -3.37 9.32
C LEU A 190 10.03 -4.54 8.79
N PRO A 198 17.12 -8.36 -4.32
CA PRO A 198 17.85 -9.33 -5.14
C PRO A 198 17.45 -10.77 -4.86
N PHE A 199 16.98 -11.01 -3.63
CA PHE A 199 16.49 -12.34 -3.26
C PHE A 199 15.12 -12.59 -3.85
N PHE A 200 14.32 -11.54 -4.03
CA PHE A 200 12.96 -11.68 -4.53
C PHE A 200 12.90 -11.75 -6.04
N LEU A 201 14.02 -11.48 -6.73
CA LEU A 201 14.09 -11.71 -8.17
C LEU A 201 14.55 -13.13 -8.49
N SER A 202 15.48 -13.67 -7.70
CA SER A 202 15.89 -15.06 -7.88
C SER A 202 14.77 -16.02 -7.52
N ILE A 203 13.74 -15.56 -6.81
CA ILE A 203 12.59 -16.43 -6.57
C ILE A 203 11.90 -16.76 -7.89
N THR A 204 11.80 -15.77 -8.79
CA THR A 204 10.94 -15.87 -9.97
C THR A 204 11.47 -16.83 -11.04
N VAL A 205 12.78 -16.81 -11.28
CA VAL A 205 13.36 -17.78 -12.19
C VAL A 205 13.43 -19.15 -11.55
N PHE A 206 13.43 -19.21 -10.21
CA PHE A 206 13.57 -20.48 -9.52
C PHE A 206 12.50 -20.68 -8.44
N PRO A 207 11.21 -20.46 -8.72
CA PRO A 207 10.19 -20.64 -7.66
C PRO A 207 10.09 -22.07 -7.16
N PHE A 208 10.56 -23.04 -7.93
CA PHE A 208 10.75 -24.39 -7.46
C PHE A 208 11.72 -24.49 -6.30
N LEU A 209 12.27 -23.37 -5.83
CA LEU A 209 13.16 -23.39 -4.69
C LEU A 209 12.47 -23.01 -3.40
N ILE A 210 11.28 -22.44 -3.48
CA ILE A 210 10.53 -22.02 -2.30
C ILE A 210 10.35 -23.17 -1.29
N PRO A 211 9.77 -24.31 -1.67
CA PRO A 211 9.58 -25.38 -0.68
C PRO A 211 10.89 -25.89 -0.16
N ILE A 212 11.97 -25.70 -0.91
CA ILE A 212 13.30 -25.95 -0.37
C ILE A 212 13.53 -25.07 0.84
N LEU A 213 13.36 -23.75 0.67
CA LEU A 213 13.61 -22.86 1.79
C LEU A 213 12.58 -23.08 2.90
N GLU A 214 11.39 -23.57 2.58
CA GLU A 214 10.34 -23.73 3.59
C GLU A 214 10.68 -24.83 4.59
N VAL A 215 11.31 -25.91 4.12
CA VAL A 215 11.82 -26.91 5.05
C VAL A 215 13.10 -26.45 5.73
N LEU A 216 13.75 -25.37 5.26
CA LEU A 216 14.94 -24.81 5.91
C LEU A 216 14.64 -23.68 6.88
N ASN A 217 13.37 -23.24 6.99
CA ASN A 217 12.93 -22.25 7.96
C ASN A 217 13.66 -20.91 7.83
N ILE A 218 14.32 -20.68 6.70
CA ILE A 218 14.68 -19.31 6.33
C ILE A 218 13.40 -18.53 6.15
N CYS A 219 13.20 -17.56 7.01
CA CYS A 219 12.05 -16.70 6.88
C CYS A 219 12.49 -15.44 6.12
N VAL A 220 11.75 -14.95 5.00
CA VAL A 220 12.02 -13.63 4.40
C VAL A 220 11.83 -12.55 5.45
N PHE A 221 11.24 -12.93 6.56
CA PHE A 221 11.29 -12.15 7.79
C PHE A 221 12.55 -12.56 8.51
N PRO A 222 13.42 -11.60 8.86
CA PRO A 222 14.58 -11.99 9.66
C PRO A 222 13.93 -12.89 10.70
N ARG A 223 14.41 -14.12 10.86
CA ARG A 223 13.80 -15.09 11.77
C ARG A 223 13.77 -14.57 13.21
N GLU A 224 14.63 -13.60 13.54
CA GLU A 224 14.72 -13.05 14.89
C GLU A 224 13.67 -12.01 15.30
N VAL A 225 13.35 -11.05 14.42
CA VAL A 225 12.26 -10.10 14.67
C VAL A 225 11.03 -10.85 15.15
N THR A 226 10.57 -11.80 14.32
CA THR A 226 9.37 -12.57 14.62
C THR A 226 9.45 -13.22 15.99
N ASN A 227 10.62 -13.73 16.33
CA ASN A 227 10.79 -14.26 17.68
C ASN A 227 10.63 -13.18 18.73
N PHE A 228 11.09 -11.88 18.38
CA PHE A 228 10.89 -10.77 19.31
C PHE A 228 9.42 -10.47 19.52
N LEU A 229 8.62 -10.43 18.44
CA LEU A 229 7.24 -10.00 18.58
C LEU A 229 6.33 -11.13 19.04
N ARG A 230 6.58 -12.36 18.58
CA ARG A 230 5.89 -13.53 19.12
C ARG A 230 5.97 -13.53 20.64
N LYS A 231 7.16 -13.28 21.18
CA LYS A 231 7.29 -13.21 22.61
C LYS A 231 6.85 -11.85 23.15
N SER A 232 7.10 -10.76 22.40
CA SER A 232 6.62 -9.46 22.84
C SER A 232 5.10 -9.40 22.89
N VAL A 233 4.43 -10.20 22.03
CA VAL A 233 2.96 -10.21 22.04
C VAL A 233 2.45 -10.92 23.30
N LYS A 234 3.00 -12.10 23.60
CA LYS A 234 2.53 -12.87 24.74
C LYS A 234 2.89 -12.24 26.08
N ARG A 235 3.87 -11.31 26.11
CA ARG A 235 4.05 -10.44 27.27
C ARG A 235 2.87 -9.51 27.45
N MET A 236 2.53 -8.75 26.39
CA MET A 236 1.38 -7.86 26.42
C MET A 236 0.10 -8.63 26.64
N LYS A 237 -0.02 -9.80 26.01
CA LYS A 237 -1.23 -10.62 26.17
C LYS A 237 -1.47 -10.95 27.62
N GLU A 238 -0.41 -11.29 28.34
CA GLU A 238 -0.57 -11.74 29.72
C GLU A 238 -0.33 -10.65 30.75
N SER A 239 -0.12 -9.39 30.32
CA SER A 239 -0.10 -8.25 31.21
C SER A 239 -1.47 -7.59 31.37
N ARG A 240 -2.20 -7.38 30.27
CA ARG A 240 -3.57 -6.90 30.38
C ARG A 240 -4.50 -8.00 30.91
N LEU A 241 -4.24 -9.25 30.54
CA LEU A 241 -5.07 -10.40 30.91
C LEU A 241 -4.48 -11.09 32.13
N VAL A 249 -8.19 -0.36 23.51
CA VAL A 249 -8.51 0.64 22.49
C VAL A 249 -7.80 0.37 21.13
N ASP A 250 -6.81 -0.53 21.09
CA ASP A 250 -5.98 -0.72 19.90
C ASP A 250 -6.16 -2.11 19.27
N PHE A 251 -5.44 -2.32 18.14
CA PHE A 251 -5.68 -3.49 17.28
C PHE A 251 -5.44 -4.80 18.04
N LEU A 252 -4.37 -4.84 18.84
CA LEU A 252 -4.11 -6.02 19.65
C LEU A 252 -5.27 -6.30 20.58
N GLN A 253 -5.78 -5.26 21.22
CA GLN A 253 -6.98 -5.42 22.05
C GLN A 253 -8.14 -5.88 21.19
N LEU A 254 -8.42 -5.17 20.09
CA LEU A 254 -9.55 -5.55 19.24
C LEU A 254 -9.42 -6.97 18.71
N MET A 255 -8.21 -7.53 18.66
CA MET A 255 -8.02 -8.91 18.24
C MET A 255 -8.07 -9.91 19.39
N ILE A 256 -7.47 -9.56 20.54
CA ILE A 256 -7.62 -10.39 21.73
C ILE A 256 -9.09 -10.49 22.11
N ASP A 257 -9.80 -9.37 22.00
CA ASP A 257 -11.24 -9.36 22.30
C ASP A 257 -12.01 -10.24 21.32
N SER A 258 -11.55 -10.36 20.08
CA SER A 258 -12.24 -11.21 19.12
C SER A 258 -12.11 -12.69 19.47
N GLN A 259 -10.93 -13.12 19.95
CA GLN A 259 -10.69 -14.52 20.28
C GLN A 259 -11.32 -14.94 21.60
N ASN A 260 -12.13 -14.08 22.20
CA ASN A 260 -12.89 -14.42 23.39
C ASN A 260 -14.32 -14.79 23.00
N SER A 266 -18.88 -18.76 14.77
CA SER A 266 -19.06 -19.67 13.66
C SER A 266 -17.72 -19.96 13.00
N HIS A 267 -16.66 -19.40 13.58
CA HIS A 267 -15.29 -19.60 13.15
C HIS A 267 -14.42 -19.88 14.38
N LYS A 268 -13.50 -20.85 14.28
CA LYS A 268 -12.53 -21.06 15.34
C LYS A 268 -11.80 -19.75 15.66
N ALA A 269 -11.62 -19.48 16.95
CA ALA A 269 -11.09 -18.19 17.40
C ALA A 269 -9.62 -18.03 17.00
N LEU A 270 -9.20 -16.76 16.93
CA LEU A 270 -7.84 -16.41 16.51
C LEU A 270 -6.80 -16.93 17.51
N SER A 271 -5.90 -17.79 17.02
CA SER A 271 -4.83 -18.38 17.81
C SER A 271 -3.80 -17.33 18.20
N ASP A 272 -2.86 -17.74 19.07
CA ASP A 272 -1.90 -16.79 19.62
C ASP A 272 -0.84 -16.41 18.59
N LEU A 273 -0.35 -17.37 17.82
CA LEU A 273 0.58 -17.09 16.72
C LEU A 273 -0.13 -16.48 15.51
N GLU A 274 -1.39 -16.85 15.28
CA GLU A 274 -2.17 -16.18 14.24
C GLU A 274 -2.35 -14.73 14.57
N LEU A 275 -2.40 -14.41 15.86
CA LEU A 275 -2.50 -13.04 16.32
C LEU A 275 -1.19 -12.28 16.09
N VAL A 276 -0.05 -12.88 16.47
CA VAL A 276 1.25 -12.26 16.23
C VAL A 276 1.45 -11.96 14.75
N ALA A 277 1.00 -12.89 13.88
CA ALA A 277 1.24 -12.75 12.43
C ALA A 277 0.45 -11.58 11.82
N GLN A 278 -0.75 -11.31 12.30
CA GLN A 278 -1.47 -10.17 11.76
C GLN A 278 -0.87 -8.87 12.26
N SER A 279 -0.43 -8.86 13.52
CA SER A 279 0.16 -7.64 14.06
C SER A 279 1.30 -7.20 13.16
N ILE A 280 2.06 -8.18 12.69
CA ILE A 280 3.16 -7.92 11.78
C ILE A 280 2.64 -7.32 10.47
N ILE A 281 1.58 -7.96 9.91
CA ILE A 281 1.03 -7.53 8.61
C ILE A 281 0.51 -6.10 8.66
N PHE A 282 0.03 -5.66 9.83
CA PHE A 282 -0.43 -4.29 9.99
C PHE A 282 0.72 -3.32 10.16
N ILE A 283 1.85 -3.79 10.64
CA ILE A 283 2.97 -2.87 10.76
C ILE A 283 3.65 -2.63 9.41
N PHE A 284 3.82 -3.68 8.60
CA PHE A 284 4.31 -3.46 7.23
C PHE A 284 3.35 -2.57 6.48
N ALA A 285 2.05 -2.82 6.64
CA ALA A 285 0.99 -2.02 6.05
C ALA A 285 1.17 -0.55 6.38
N GLY A 286 0.94 -0.17 7.63
CA GLY A 286 0.86 1.24 7.93
C GLY A 286 2.16 2.02 8.00
N TYR A 287 3.31 1.39 7.72
CA TYR A 287 4.59 2.05 7.96
C TYR A 287 5.26 2.57 6.68
N GLU A 288 5.77 1.69 5.81
CA GLU A 288 6.35 2.25 4.61
C GLU A 288 5.31 2.56 3.54
N THR A 289 4.03 2.40 3.85
CA THR A 289 2.97 2.94 3.00
C THR A 289 2.60 4.36 3.43
N THR A 290 2.11 4.46 4.72
CA THR A 290 1.69 5.79 5.18
C THR A 290 2.86 6.78 5.14
N SER A 291 4.06 6.32 5.48
CA SER A 291 5.23 7.18 5.36
C SER A 291 5.47 7.59 3.92
N SER A 292 5.49 6.60 2.99
CA SER A 292 5.82 6.92 1.59
C SER A 292 4.79 7.87 0.99
N VAL A 293 3.51 7.63 1.25
CA VAL A 293 2.49 8.46 0.62
C VAL A 293 2.60 9.89 1.10
N LEU A 294 2.77 10.09 2.40
CA LEU A 294 2.89 11.45 2.92
C LEU A 294 4.03 12.18 2.21
N SER A 295 5.13 11.45 1.98
CA SER A 295 6.25 11.98 1.22
C SER A 295 5.83 12.37 -0.20
N PHE A 296 5.16 11.46 -0.91
CA PHE A 296 4.67 11.82 -2.24
C PHE A 296 3.73 13.02 -2.19
N ILE A 297 2.98 13.18 -1.10
CA ILE A 297 2.01 14.27 -1.08
C ILE A 297 2.72 15.59 -0.81
N MET A 298 3.69 15.61 0.11
CA MET A 298 4.45 16.84 0.36
C MET A 298 5.25 17.31 -0.87
N TYR A 299 5.91 16.38 -1.59
CA TYR A 299 6.59 16.70 -2.85
C TYR A 299 5.67 17.46 -3.79
N GLU A 300 4.48 16.91 -4.06
CA GLU A 300 3.53 17.58 -4.96
C GLU A 300 3.09 18.91 -4.38
N LEU A 301 2.85 18.97 -3.08
CA LEU A 301 2.46 20.23 -2.47
C LEU A 301 3.57 21.25 -2.59
N ALA A 302 4.83 20.79 -2.58
CA ALA A 302 5.93 21.73 -2.69
C ALA A 302 6.07 22.24 -4.11
N THR A 303 6.14 21.34 -5.09
CA THR A 303 6.25 21.70 -6.50
C THR A 303 4.97 22.36 -7.06
N HIS A 304 3.94 22.54 -6.24
CA HIS A 304 2.67 23.13 -6.66
C HIS A 304 2.16 23.99 -5.52
N PRO A 305 2.67 25.22 -5.39
CA PRO A 305 2.41 26.01 -4.15
C PRO A 305 0.98 26.53 -4.04
N ASP A 306 0.25 26.66 -5.15
CA ASP A 306 -1.14 27.13 -5.09
C ASP A 306 -2.04 26.10 -4.42
N VAL A 307 -1.83 24.81 -4.72
CA VAL A 307 -2.61 23.77 -4.08
C VAL A 307 -2.33 23.75 -2.57
N GLN A 308 -1.06 23.83 -2.18
CA GLN A 308 -0.68 23.99 -0.78
C GLN A 308 -1.46 25.12 -0.10
N GLN A 309 -1.41 26.32 -0.68
CA GLN A 309 -2.12 27.46 -0.08
C GLN A 309 -3.62 27.19 -0.06
N LYS A 310 -4.16 26.66 -1.17
CA LYS A 310 -5.61 26.45 -1.25
C LYS A 310 -6.08 25.46 -0.19
N LEU A 311 -5.27 24.44 0.08
CA LEU A 311 -5.57 23.49 1.14
C LEU A 311 -5.38 24.12 2.52
N GLN A 312 -4.29 24.88 2.73
CA GLN A 312 -4.10 25.56 4.01
C GLN A 312 -5.28 26.46 4.33
N GLU A 313 -5.92 27.01 3.31
CA GLU A 313 -7.11 27.84 3.51
C GLU A 313 -8.26 27.02 4.05
N GLU A 314 -8.69 26.01 3.27
CA GLU A 314 -9.75 25.10 3.71
C GLU A 314 -9.47 24.55 5.09
N ILE A 315 -8.21 24.27 5.40
CA ILE A 315 -7.83 23.79 6.73
C ILE A 315 -8.09 24.86 7.79
N ASP A 316 -7.86 26.12 7.43
CA ASP A 316 -8.02 27.19 8.40
C ASP A 316 -9.47 27.64 8.52
N ALA A 317 -10.25 27.51 7.45
CA ALA A 317 -11.68 27.83 7.50
C ALA A 317 -12.46 26.81 8.32
N VAL A 318 -12.06 25.54 8.25
CA VAL A 318 -12.76 24.49 8.99
C VAL A 318 -12.23 24.41 10.42
N LEU A 319 -10.92 24.59 10.60
CA LEU A 319 -10.28 24.56 11.92
C LEU A 319 -9.62 25.91 12.16
N PRO A 320 -10.40 26.95 12.43
CA PRO A 320 -9.81 28.25 12.71
C PRO A 320 -8.90 28.17 13.92
N ASN A 321 -7.86 28.99 13.90
CA ASN A 321 -6.93 29.12 15.02
C ASN A 321 -6.14 27.84 15.23
N LYS A 322 -5.85 27.12 14.15
CA LYS A 322 -5.26 25.80 14.26
C LYS A 322 -6.04 24.98 15.28
N ALA A 323 -7.35 24.88 15.05
CA ALA A 323 -8.18 24.07 15.91
C ALA A 323 -7.92 22.58 15.64
N PRO A 324 -7.75 21.78 16.69
CA PRO A 324 -7.41 20.36 16.48
C PRO A 324 -8.45 19.67 15.64
N PRO A 325 -8.04 18.92 14.61
CA PRO A 325 -9.01 18.17 13.83
C PRO A 325 -9.65 17.08 14.67
N THR A 326 -10.87 16.73 14.28
CA THR A 326 -11.56 15.57 14.84
C THR A 326 -11.96 14.66 13.69
N TYR A 327 -12.56 13.52 14.05
CA TYR A 327 -12.95 12.57 13.01
C TYR A 327 -13.92 13.22 12.02
N ASP A 328 -14.88 14.01 12.54
CA ASP A 328 -15.90 14.57 11.66
C ASP A 328 -15.36 15.72 10.81
N THR A 329 -14.52 16.58 11.39
CA THR A 329 -13.93 17.65 10.61
C THR A 329 -13.04 17.13 9.48
N VAL A 330 -12.51 15.91 9.61
CA VAL A 330 -11.60 15.40 8.58
C VAL A 330 -12.38 14.93 7.36
N LEU A 331 -13.55 14.34 7.58
CA LEU A 331 -14.36 13.95 6.42
C LEU A 331 -15.06 15.16 5.80
N GLN A 332 -14.83 16.36 6.35
CA GLN A 332 -15.42 17.58 5.84
C GLN A 332 -14.53 18.32 4.86
N MET A 333 -13.23 18.01 4.84
CA MET A 333 -12.31 18.68 3.95
C MET A 333 -12.32 17.95 2.62
N GLU A 334 -12.94 18.56 1.61
CA GLU A 334 -13.08 17.91 0.31
C GLU A 334 -11.85 18.10 -0.55
N TYR A 335 -11.27 19.30 -0.51
CA TYR A 335 -10.02 19.51 -1.24
C TYR A 335 -8.93 18.59 -0.73
N LEU A 336 -8.80 18.49 0.59
CA LEU A 336 -7.91 17.52 1.20
C LEU A 336 -8.09 16.14 0.54
N ASP A 337 -9.33 15.64 0.50
CA ASP A 337 -9.60 14.34 -0.11
C ASP A 337 -9.15 14.31 -1.57
N MET A 338 -9.37 15.40 -2.30
CA MET A 338 -8.92 15.44 -3.69
C MET A 338 -7.40 15.36 -3.79
N VAL A 339 -6.68 16.08 -2.92
CA VAL A 339 -5.22 16.02 -2.99
C VAL A 339 -4.76 14.59 -2.68
N VAL A 340 -5.42 13.92 -1.74
CA VAL A 340 -5.03 12.55 -1.41
C VAL A 340 -5.29 11.62 -2.59
N ASN A 341 -6.50 11.68 -3.13
CA ASN A 341 -6.82 10.79 -4.23
C ASN A 341 -5.95 11.07 -5.42
N GLU A 342 -5.85 12.33 -5.82
CA GLU A 342 -5.03 12.62 -6.99
C GLU A 342 -3.62 12.12 -6.78
N THR A 343 -3.05 12.32 -5.59
CA THR A 343 -1.68 11.81 -5.35
C THR A 343 -1.60 10.30 -5.57
N LEU A 344 -2.49 9.55 -4.89
CA LEU A 344 -2.52 8.10 -5.04
C LEU A 344 -2.82 7.68 -6.47
N ARG A 345 -3.37 8.59 -7.29
CA ARG A 345 -3.49 8.30 -8.72
C ARG A 345 -2.11 8.22 -9.36
N LEU A 346 -1.26 9.18 -9.03
CA LEU A 346 0.08 9.15 -9.60
C LEU A 346 0.93 8.05 -8.98
N PHE A 347 0.71 7.71 -7.71
CA PHE A 347 1.66 6.89 -6.95
C PHE A 347 0.97 5.72 -6.24
N PRO A 348 0.36 4.78 -6.99
CA PRO A 348 -0.42 3.71 -6.35
C PRO A 348 0.45 2.59 -5.80
N ILE A 349 0.93 2.78 -4.57
CA ILE A 349 2.09 2.09 -4.00
C ILE A 349 2.13 0.66 -4.51
N ALA A 350 0.98 0.04 -4.68
CA ALA A 350 0.91 -1.36 -5.07
C ALA A 350 1.24 -1.63 -6.53
N MET A 351 1.07 -0.65 -7.42
CA MET A 351 1.41 -0.76 -8.84
C MET A 351 0.55 -1.74 -9.62
N ARG A 352 0.56 -3.02 -9.23
CA ARG A 352 -0.30 -4.02 -9.85
C ARG A 352 -1.20 -4.67 -8.81
N LEU A 353 -2.36 -5.09 -9.24
CA LEU A 353 -3.11 -6.06 -8.46
C LEU A 353 -3.09 -7.38 -9.20
N GLU A 354 -3.16 -8.47 -8.44
CA GLU A 354 -3.01 -9.78 -9.03
C GLU A 354 -3.88 -10.78 -8.28
N ARG A 355 -4.43 -11.76 -9.02
CA ARG A 355 -5.18 -12.89 -8.47
C ARG A 355 -4.84 -14.15 -9.24
N VAL A 356 -4.77 -15.26 -8.53
CA VAL A 356 -4.58 -16.58 -9.15
C VAL A 356 -5.93 -17.15 -9.58
N CYS A 357 -6.07 -17.39 -10.90
CA CYS A 357 -7.15 -18.16 -11.50
C CYS A 357 -7.03 -19.61 -11.05
N LYS A 358 -8.01 -20.07 -10.26
CA LYS A 358 -7.92 -21.38 -9.62
C LYS A 358 -8.65 -22.48 -10.40
N LYS A 359 -9.38 -22.14 -11.48
CA LYS A 359 -10.23 -23.06 -12.24
C LYS A 359 -10.33 -22.61 -13.70
N ASP A 360 -10.51 -23.55 -14.64
CA ASP A 360 -10.83 -23.20 -16.02
C ASP A 360 -12.09 -22.32 -16.04
N VAL A 361 -12.00 -21.12 -16.63
CA VAL A 361 -13.15 -20.22 -16.67
CA VAL A 361 -13.12 -20.18 -16.65
C VAL A 361 -13.19 -19.47 -18.00
N GLU A 362 -14.35 -18.85 -18.25
CA GLU A 362 -14.56 -17.90 -19.34
C GLU A 362 -15.21 -16.66 -18.74
N ILE A 363 -14.60 -15.50 -18.97
CA ILE A 363 -15.09 -14.22 -18.44
C ILE A 363 -15.15 -13.20 -19.57
N ASN A 364 -16.29 -12.53 -19.69
CA ASN A 364 -16.59 -11.56 -20.76
C ASN A 364 -16.07 -12.05 -22.12
N GLY A 365 -16.40 -13.30 -22.43
CA GLY A 365 -16.04 -13.89 -23.70
C GLY A 365 -14.55 -14.12 -23.91
N MET A 366 -13.84 -14.61 -22.89
CA MET A 366 -12.45 -14.98 -23.11
C MET A 366 -12.06 -16.14 -22.24
N PHE A 367 -11.50 -17.17 -22.88
CA PHE A 367 -11.00 -18.29 -22.11
C PHE A 367 -9.76 -17.90 -21.32
N ILE A 368 -9.73 -18.33 -20.04
CA ILE A 368 -8.57 -18.19 -19.18
C ILE A 368 -8.33 -19.55 -18.56
N PRO A 369 -7.16 -20.17 -18.75
CA PRO A 369 -6.95 -21.53 -18.28
C PRO A 369 -6.43 -21.55 -16.85
N LYS A 370 -6.50 -22.74 -16.24
CA LYS A 370 -6.18 -22.89 -14.84
C LYS A 370 -4.71 -22.53 -14.59
N GLY A 371 -4.45 -21.96 -13.41
CA GLY A 371 -3.11 -21.62 -13.00
C GLY A 371 -2.62 -20.26 -13.43
N VAL A 372 -3.16 -19.69 -14.52
CA VAL A 372 -2.69 -18.37 -14.98
C VAL A 372 -2.80 -17.35 -13.85
N VAL A 373 -1.81 -16.47 -13.74
CA VAL A 373 -1.93 -15.30 -12.86
C VAL A 373 -2.53 -14.17 -13.66
N VAL A 374 -3.66 -13.66 -13.18
CA VAL A 374 -4.37 -12.53 -13.79
C VAL A 374 -3.93 -11.27 -13.05
N MET A 375 -3.32 -10.36 -13.79
CA MET A 375 -2.69 -9.16 -13.27
CA MET A 375 -2.72 -9.16 -13.26
C MET A 375 -3.48 -7.96 -13.77
N ILE A 376 -3.74 -6.99 -12.90
CA ILE A 376 -4.31 -5.72 -13.33
C ILE A 376 -3.27 -4.63 -13.09
N PRO A 377 -2.87 -3.90 -14.10
CA PRO A 377 -1.82 -2.91 -13.90
C PRO A 377 -2.34 -1.56 -13.41
N SER A 378 -2.45 -1.32 -12.10
CA SER A 378 -3.00 -0.05 -11.65
C SER A 378 -2.16 1.12 -12.14
N TYR A 379 -0.83 1.05 -11.98
CA TYR A 379 0.03 2.16 -12.38
C TYR A 379 -0.23 2.58 -13.82
N ALA A 380 -0.26 1.63 -14.75
CA ALA A 380 -0.35 2.07 -16.13
C ALA A 380 -1.77 2.54 -16.46
N LEU A 381 -2.78 2.09 -15.70
CA LEU A 381 -4.14 2.62 -15.85
C LEU A 381 -4.29 3.98 -15.17
N HIS A 382 -3.66 4.18 -14.00
CA HIS A 382 -3.69 5.51 -13.38
C HIS A 382 -3.02 6.55 -14.27
N ARG A 383 -2.15 6.10 -15.20
CA ARG A 383 -1.41 6.99 -16.07
C ARG A 383 -1.78 6.80 -17.54
N ASP A 384 -3.03 6.43 -17.82
CA ASP A 384 -3.45 6.12 -19.19
C ASP A 384 -4.07 7.36 -19.82
N PRO A 385 -3.50 7.90 -20.90
CA PRO A 385 -4.15 9.03 -21.59
C PRO A 385 -5.55 8.75 -22.10
N LYS A 386 -5.89 7.50 -22.42
CA LYS A 386 -7.23 7.14 -22.89
C LYS A 386 -8.30 7.22 -21.78
N TYR A 387 -7.92 7.46 -20.51
CA TYR A 387 -8.87 7.77 -19.44
C TYR A 387 -8.54 9.03 -18.65
N TRP A 388 -7.39 9.66 -18.90
CA TRP A 388 -6.90 10.77 -18.09
C TRP A 388 -6.32 11.83 -19.00
N THR A 389 -6.89 13.02 -18.98
CA THR A 389 -6.30 14.12 -19.73
C THR A 389 -5.06 14.61 -18.99
N GLU A 390 -3.97 14.80 -19.74
CA GLU A 390 -2.69 15.21 -19.18
C GLU A 390 -2.35 14.36 -17.96
N PRO A 391 -2.15 13.04 -18.14
CA PRO A 391 -2.09 12.14 -16.97
C PRO A 391 -0.82 12.28 -16.16
N GLU A 392 0.26 12.86 -16.69
CA GLU A 392 1.45 13.01 -15.86
C GLU A 392 1.34 14.20 -14.92
N LYS A 393 0.48 15.18 -15.24
CA LYS A 393 0.30 16.39 -14.44
C LYS A 393 -0.41 16.10 -13.13
N PHE A 394 -0.10 16.89 -12.12
CA PHE A 394 -0.76 16.78 -10.83
C PHE A 394 -1.91 17.78 -10.82
N LEU A 395 -3.13 17.28 -11.03
CA LEU A 395 -4.33 18.13 -11.09
C LEU A 395 -5.37 17.57 -10.13
N PRO A 396 -5.49 18.13 -8.93
CA PRO A 396 -6.47 17.62 -7.96
C PRO A 396 -7.90 17.84 -8.37
N GLU A 397 -8.16 18.76 -9.30
CA GLU A 397 -9.53 19.00 -9.72
C GLU A 397 -10.17 17.79 -10.37
N ARG A 398 -9.38 16.81 -10.85
CA ARG A 398 -9.96 15.60 -11.40
C ARG A 398 -10.96 15.00 -10.44
N PHE A 399 -10.78 15.24 -9.12
CA PHE A 399 -11.59 14.66 -8.04
C PHE A 399 -12.49 15.66 -7.37
N SER A 400 -12.77 16.79 -8.00
CA SER A 400 -13.86 17.64 -7.53
C SER A 400 -15.17 16.86 -7.58
N LYS A 401 -16.04 17.12 -6.60
CA LYS A 401 -17.36 16.49 -6.56
C LYS A 401 -18.14 16.71 -7.84
N LYS A 402 -17.73 17.69 -8.66
CA LYS A 402 -18.28 17.85 -9.99
C LYS A 402 -17.79 16.74 -10.93
N ASN A 403 -16.47 16.43 -10.90
CA ASN A 403 -15.88 15.46 -11.82
C ASN A 403 -15.60 14.09 -11.22
N LYS A 404 -15.62 13.94 -9.88
CA LYS A 404 -15.41 12.64 -9.27
C LYS A 404 -16.37 11.57 -9.78
N ASP A 405 -17.51 11.96 -10.36
CA ASP A 405 -18.52 11.00 -10.80
C ASP A 405 -18.15 10.31 -12.10
N ASN A 406 -17.33 10.92 -12.93
CA ASN A 406 -16.98 10.41 -14.25
C ASN A 406 -15.80 9.46 -14.21
N ILE A 407 -15.34 9.09 -13.02
CA ILE A 407 -14.12 8.30 -12.84
C ILE A 407 -14.51 6.83 -12.70
N ASP A 408 -14.17 6.03 -13.72
CA ASP A 408 -14.52 4.61 -13.71
C ASP A 408 -13.83 3.94 -12.52
N PRO A 409 -14.59 3.42 -11.56
CA PRO A 409 -13.97 2.86 -10.35
C PRO A 409 -13.11 1.63 -10.61
N TYR A 410 -13.24 0.99 -11.77
CA TYR A 410 -12.40 -0.16 -12.09
C TYR A 410 -11.19 0.24 -12.87
N ILE A 411 -10.92 1.53 -12.94
CA ILE A 411 -9.65 2.06 -13.41
C ILE A 411 -8.88 2.70 -12.27
N TYR A 412 -9.52 3.53 -11.45
CA TYR A 412 -8.87 4.12 -10.28
C TYR A 412 -9.07 3.18 -9.08
N THR A 413 -8.00 2.47 -8.67
CA THR A 413 -8.16 1.42 -7.66
C THR A 413 -6.99 1.37 -6.67
N PRO A 414 -6.62 2.49 -6.04
CA PRO A 414 -5.45 2.47 -5.16
C PRO A 414 -5.55 1.53 -3.96
N PHE A 415 -6.75 1.06 -3.64
CA PHE A 415 -6.95 0.14 -2.52
C PHE A 415 -7.56 -1.17 -2.95
N GLY A 416 -7.58 -1.45 -4.23
CA GLY A 416 -8.08 -2.72 -4.68
C GLY A 416 -9.54 -2.58 -4.97
N SER A 417 -10.18 -3.74 -5.18
CA SER A 417 -11.63 -3.75 -5.14
C SER A 417 -12.10 -5.16 -4.92
N GLY A 418 -13.37 -5.27 -4.51
CA GLY A 418 -14.00 -6.53 -4.16
C GLY A 418 -13.66 -6.96 -2.76
N PRO A 419 -14.10 -8.18 -2.41
CA PRO A 419 -13.89 -8.69 -1.04
C PRO A 419 -12.45 -8.69 -0.57
N ARG A 420 -11.46 -8.61 -1.47
CA ARG A 420 -10.09 -8.75 -1.00
C ARG A 420 -9.31 -7.46 -1.15
N ASN A 421 -9.99 -6.34 -1.02
CA ASN A 421 -9.35 -5.04 -1.19
C ASN A 421 -8.66 -4.63 0.12
N CYS A 422 -8.15 -3.40 0.22
CA CYS A 422 -7.31 -3.05 1.36
C CYS A 422 -8.17 -2.89 2.60
N ILE A 423 -8.07 -3.86 3.49
CA ILE A 423 -8.85 -3.90 4.71
C ILE A 423 -8.58 -2.66 5.54
N GLY A 424 -7.42 -2.04 5.37
CA GLY A 424 -7.07 -0.88 6.15
C GLY A 424 -7.24 0.42 5.37
N MET A 425 -8.17 0.43 4.41
CA MET A 425 -8.37 1.62 3.58
C MET A 425 -8.73 2.83 4.45
N ARG A 426 -9.90 2.76 5.13
CA ARG A 426 -10.42 3.86 5.93
C ARG A 426 -9.43 4.34 7.01
N PHE A 427 -8.61 3.44 7.56
CA PHE A 427 -7.69 3.86 8.61
C PHE A 427 -6.52 4.64 8.03
N ALA A 428 -5.92 4.11 6.96
CA ALA A 428 -4.82 4.79 6.28
C ALA A 428 -5.22 6.19 5.83
N LEU A 429 -6.33 6.31 5.08
CA LEU A 429 -6.80 7.64 4.68
C LEU A 429 -6.88 8.57 5.89
N MET A 430 -7.53 8.10 6.94
CA MET A 430 -7.71 8.91 8.15
C MET A 430 -6.36 9.21 8.80
N ASN A 431 -5.52 8.17 8.94
CA ASN A 431 -4.18 8.35 9.50
C ASN A 431 -3.39 9.41 8.75
N MET A 432 -3.37 9.33 7.40
CA MET A 432 -2.64 10.32 6.59
C MET A 432 -3.28 11.70 6.68
N LYS A 433 -4.62 11.78 6.56
CA LYS A 433 -5.26 13.10 6.52
C LYS A 433 -5.01 13.86 7.82
N LEU A 434 -4.99 13.15 8.95
CA LEU A 434 -4.69 13.82 10.22
C LEU A 434 -3.29 14.40 10.22
N ALA A 435 -2.32 13.66 9.68
CA ALA A 435 -0.95 14.13 9.62
C ALA A 435 -0.85 15.44 8.83
N LEU A 436 -1.40 15.46 7.63
CA LEU A 436 -1.30 16.66 6.78
C LEU A 436 -1.97 17.86 7.42
N ILE A 437 -3.14 17.68 8.04
CA ILE A 437 -3.90 18.80 8.60
C ILE A 437 -3.06 19.55 9.62
N ARG A 438 -2.63 18.82 10.66
CA ARG A 438 -1.74 19.39 11.67
C ARG A 438 -0.52 20.06 11.03
N VAL A 439 0.06 19.44 10.01
CA VAL A 439 1.34 19.92 9.48
C VAL A 439 1.17 21.13 8.58
N LEU A 440 0.09 21.21 7.81
CA LEU A 440 -0.17 22.39 6.99
C LEU A 440 -0.77 23.52 7.80
N GLN A 441 -1.23 23.23 9.02
CA GLN A 441 -1.65 24.27 9.93
C GLN A 441 -0.48 25.12 10.41
N ASN A 442 0.75 24.63 10.26
CA ASN A 442 1.88 25.19 10.99
C ASN A 442 3.09 25.51 10.12
N PHE A 443 3.29 24.75 9.05
CA PHE A 443 4.43 24.98 8.16
C PHE A 443 3.95 25.12 6.72
N SER A 444 4.81 25.73 5.90
CA SER A 444 4.72 25.69 4.46
C SER A 444 6.01 25.07 3.93
N PHE A 445 5.94 24.53 2.72
CA PHE A 445 6.96 23.62 2.21
C PHE A 445 7.47 24.09 0.87
N LYS A 446 8.79 24.27 0.79
CA LYS A 446 9.43 24.94 -0.33
C LYS A 446 10.55 24.09 -0.90
N PRO A 447 10.69 24.08 -2.22
CA PRO A 447 11.79 23.34 -2.83
C PRO A 447 13.14 23.89 -2.38
N CYS A 448 14.07 22.97 -2.15
CA CYS A 448 15.48 23.29 -2.04
C CYS A 448 16.15 23.04 -3.39
N LYS A 449 17.38 23.52 -3.52
CA LYS A 449 18.15 23.26 -4.73
C LYS A 449 18.48 21.79 -4.86
N GLU A 450 18.57 21.07 -3.74
CA GLU A 450 18.86 19.64 -3.72
C GLU A 450 17.61 18.78 -3.89
N THR A 451 16.46 19.39 -4.11
CA THR A 451 15.28 18.60 -4.44
C THR A 451 15.44 18.02 -5.84
N GLN A 452 14.97 16.79 -6.02
CA GLN A 452 14.93 16.17 -7.34
C GLN A 452 13.63 16.60 -8.03
N ILE A 453 13.75 17.44 -9.05
CA ILE A 453 12.62 17.89 -9.86
C ILE A 453 12.99 17.65 -11.32
N PRO A 454 12.24 16.81 -12.07
CA PRO A 454 11.07 16.05 -11.67
C PRO A 454 11.47 14.80 -10.90
N LEU A 455 10.64 14.39 -9.94
CA LEU A 455 10.95 13.18 -9.20
C LEU A 455 10.85 11.97 -10.12
N LYS A 456 11.77 11.03 -9.92
CA LYS A 456 11.84 9.82 -10.71
C LYS A 456 11.64 8.61 -9.81
N LEU A 457 10.83 7.67 -10.27
CA LEU A 457 10.54 6.50 -9.47
C LEU A 457 11.71 5.53 -9.47
N SER A 458 11.83 4.80 -8.37
CA SER A 458 12.78 3.72 -8.26
C SER A 458 12.61 2.76 -9.43
N LEU A 459 13.64 2.72 -10.30
CA LEU A 459 13.73 1.69 -11.34
C LEU A 459 13.63 0.29 -10.76
N GLY A 460 13.76 0.13 -9.43
CA GLY A 460 13.63 -1.13 -8.72
C GLY A 460 12.21 -1.66 -8.67
N GLY A 461 11.85 -2.29 -7.55
CA GLY A 461 10.58 -3.01 -7.47
C GLY A 461 9.68 -2.60 -6.32
N LEU A 462 9.90 -1.41 -5.79
CA LEU A 462 8.98 -0.78 -4.85
C LEU A 462 8.65 0.61 -5.37
N LEU A 463 7.50 1.12 -4.93
CA LEU A 463 7.06 2.45 -5.35
C LEU A 463 7.59 3.42 -4.30
N GLN A 464 8.79 3.89 -4.56
CA GLN A 464 9.46 4.90 -3.76
C GLN A 464 10.21 5.80 -4.72
N PRO A 465 10.59 7.00 -4.29
CA PRO A 465 11.38 7.86 -5.17
C PRO A 465 12.80 7.34 -5.27
N GLU A 466 13.44 7.60 -6.44
CA GLU A 466 14.81 7.18 -6.71
C GLU A 466 15.69 7.65 -5.56
N LYS A 467 15.80 8.96 -5.40
CA LYS A 467 16.42 9.80 -4.39
C LYS A 467 15.39 10.27 -3.38
N PRO A 468 15.77 10.33 -2.11
CA PRO A 468 14.83 10.75 -1.05
C PRO A 468 14.37 12.18 -1.24
N VAL A 469 13.10 12.41 -0.92
CA VAL A 469 12.45 13.72 -1.04
C VAL A 469 12.99 14.63 0.07
N VAL A 470 13.62 15.74 -0.32
CA VAL A 470 14.17 16.70 0.63
C VAL A 470 13.75 18.12 0.23
N LEU A 471 13.29 18.91 1.21
CA LEU A 471 12.65 20.20 0.97
C LEU A 471 13.02 21.19 2.08
N LYS A 472 12.49 22.41 1.98
CA LYS A 472 12.71 23.46 2.97
C LYS A 472 11.43 23.69 3.75
N VAL A 473 11.53 23.69 5.08
CA VAL A 473 10.39 23.83 5.98
C VAL A 473 10.45 25.22 6.60
N GLU A 474 9.33 25.94 6.54
CA GLU A 474 9.24 27.28 7.10
C GLU A 474 8.02 27.39 7.99
N SER A 475 8.11 28.24 9.00
CA SER A 475 7.08 28.34 10.03
CA SER A 475 7.08 28.33 10.04
C SER A 475 6.13 29.49 9.74
N ARG A 476 4.84 29.20 9.76
CA ARG A 476 3.82 30.24 9.64
C ARG A 476 3.83 31.05 10.94
CHA HEM B . -4.20 -4.90 0.74
CHB HEM B . -3.49 -0.40 -0.81
CHC HEM B . -2.46 0.67 3.72
CHD HEM B . -3.91 -3.62 5.40
C1A HEM B . -4.05 -3.82 -0.03
C2A HEM B . -4.11 -3.84 -1.46
C3A HEM B . -3.93 -2.61 -1.90
C4A HEM B . -3.70 -1.76 -0.76
CMA HEM B . -3.94 -2.12 -3.36
CAA HEM B . -4.43 -5.08 -2.28
CBA HEM B . -5.91 -4.90 -2.65
CGA HEM B . -6.30 -5.87 -3.73
O1A HEM B . -7.43 -5.74 -4.23
O2A HEM B . -5.46 -6.75 -4.07
C1B HEM B . -3.11 0.29 0.30
C2B HEM B . -2.69 1.69 0.35
C3B HEM B . -2.37 1.95 1.63
C4B HEM B . -2.65 0.77 2.39
CMB HEM B . -2.62 2.62 -0.90
CAB HEM B . -1.91 3.23 2.34
CBB HEM B . -2.10 4.41 1.79
C1C HEM B . -2.85 -0.35 4.53
C2C HEM B . -2.96 -0.20 5.94
C3C HEM B . -3.35 -1.35 6.46
C4C HEM B . -3.52 -2.30 5.36
CMC HEM B . -2.65 1.09 6.74
CAC HEM B . -3.55 -1.43 7.99
CBC HEM B . -3.40 -2.53 8.70
C1D HEM B . -4.05 -4.35 4.23
C2D HEM B . -4.27 -5.78 4.15
C3D HEM B . -4.35 -6.13 2.86
C4D HEM B . -4.17 -4.92 2.09
CMD HEM B . -4.39 -6.72 5.36
CAD HEM B . -4.59 -7.55 2.27
CBD HEM B . -6.08 -7.79 2.17
CGD HEM B . -6.47 -9.23 2.10
O1D HEM B . -7.49 -9.58 2.70
O2D HEM B . -5.79 -10.06 1.48
NA HEM B . -3.80 -2.54 0.36
NB HEM B . -3.08 -0.22 1.58
NC HEM B . -3.19 -1.64 4.19
ND HEM B . -4.01 -3.84 2.93
FE HEM B . -3.70 -1.93 2.23
C10 G0Y C . 3.29 -9.59 -0.34
C15 G0Y C . 6.83 -8.04 4.16
C17 G0Y C . 6.18 -9.95 5.51
C20 G0Y C . 2.45 -7.57 2.53
C24 G0Y C . 0.47 -4.86 4.13
C01 G0Y C . 2.48 -13.42 -2.13
C02 G0Y C . 1.06 -13.60 -1.53
C04 G0Y C . 1.03 -15.01 -0.80
C16 G0Y C . 7.13 -9.02 5.11
C06 G0Y C . 0.90 -11.13 -1.10
C18 G0Y C . 4.92 -9.92 5.01
C23 G0Y C . 0.62 -6.11 3.36
C31 G0Y C . 1.74 -8.04 -1.37
C32 G0Y C . 0.74 -7.04 -1.22
C33 G0Y C . 0.18 -6.77 0.03
C09 G0Y C . 1.88 -9.02 -0.22
C12 G0Y C . 3.93 -7.87 1.98
C03 G0Y C . -0.05 -13.70 -2.59
C13 G0Y C . 5.04 -7.00 2.60
C14 G0Y C . 5.53 -7.97 3.63
C19 G0Y C . 4.62 -8.95 4.08
C25 G0Y C . 0.12 -3.88 3.10
C26 G0Y C . 1.05 -3.31 2.23
C27 G0Y C . 0.67 -2.41 1.24
C28 G0Y C . -0.70 -2.10 1.14
C30 G0Y C . -1.20 -3.54 2.90
C34 G0Y C . -0.77 -5.80 0.16
C35 G0Y C . -1.16 -5.11 -0.96
C36 G0Y C . -0.60 -5.38 -2.21
C37 G0Y C . 0.35 -6.35 -2.33
N08 G0Y C . 0.79 -10.08 -0.20
N22 G0Y C . 1.95 -6.30 2.80
N29 G0Y C . -1.60 -2.68 1.97
O05 G0Y C . 0.79 -12.48 -0.59
O07 G0Y C . 1.10 -10.88 -2.28
O21 G0Y C . 1.70 -8.57 2.82
S11 G0Y C . 4.16 -8.08 0.13
#